data_1PNQ
#
_entry.id   1PNQ
#
_cell.length_a   118.270
_cell.length_b   118.270
_cell.length_c   212.830
_cell.angle_alpha   90.00
_cell.angle_beta   90.00
_cell.angle_gamma   120.00
#
_symmetry.space_group_name_H-M   'P 61 2 2'
#
loop_
_entity.id
_entity.type
_entity.pdbx_description
1 polymer 'NAD(P) transhydrogenase subunit beta'
2 non-polymer 'NADPH DIHYDRO-NICOTINAMIDE-ADENINE-DINUCLEOTIDE PHOSPHATE'
3 water water
#
_entity_poly.entity_id   1
_entity_poly.type   'polypeptide(L)'
_entity_poly.pdbx_seq_one_letter_code
;SGHIEGRHMAGSAEDAAFIMKNASKVIIVPGYGMAVAQAQHALREMADVLKKEGVEVSYAIHPVAGRMPGHMNVLLAEAN
VPYDEVFELEEINSSFQTADVAFVIGANDVTNPAAKTDPSSPIYGMPILDVEKAGTVLFIKRSMASGYAGVENELFFRNN
TMMLFGDAKKMTEQIVQAMN
;
_entity_poly.pdbx_strand_id   A,B
#
loop_
_chem_comp.id
_chem_comp.type
_chem_comp.name
_chem_comp.formula
NDP non-polymer 'NADPH DIHYDRO-NICOTINAMIDE-ADENINE-DINUCLEOTIDE PHOSPHATE' 'C21 H30 N7 O17 P3'
#
# COMPACT_ATOMS: atom_id res chain seq x y z
N SER A 1 19.28 -1.92 24.17
CA SER A 1 20.55 -1.26 23.75
C SER A 1 21.00 -1.78 22.38
N GLY A 2 22.06 -0.83 21.71
CA GLY A 2 22.35 -1.39 20.40
C GLY A 2 23.11 -2.71 20.38
N HIS A 3 23.25 -3.30 19.19
CA HIS A 3 23.96 -4.56 19.02
C HIS A 3 23.98 -5.00 17.56
N ILE A 4 24.87 -5.94 17.24
CA ILE A 4 24.98 -6.47 15.88
C ILE A 4 24.24 -7.81 15.76
N GLU A 5 23.51 -7.99 14.66
CA GLU A 5 22.75 -9.20 14.41
C GLU A 5 22.79 -9.47 12.90
N GLY A 6 23.36 -10.59 12.50
CA GLY A 6 23.46 -10.90 11.08
C GLY A 6 24.50 -9.98 10.45
N ARG A 7 24.16 -9.39 9.30
CA ARG A 7 25.06 -8.48 8.60
C ARG A 7 24.70 -7.01 8.80
N HIS A 8 23.78 -6.73 9.71
CA HIS A 8 23.34 -5.35 9.95
C HIS A 8 23.48 -4.88 11.40
N MET A 9 23.45 -3.57 11.57
CA MET A 9 23.56 -2.95 12.89
C MET A 9 22.17 -2.57 13.40
N ALA A 10 21.80 -3.06 14.57
CA ALA A 10 20.49 -2.75 15.13
C ALA A 10 20.60 -1.74 16.29
N GLY A 11 20.33 -0.47 16.01
CA GLY A 11 20.41 0.55 17.05
C GLY A 11 19.16 0.63 17.91
N SER A 12 19.13 1.57 18.85
CA SER A 12 17.97 1.75 19.71
C SER A 12 17.48 3.20 19.64
N ALA A 13 16.33 3.46 20.25
CA ALA A 13 15.75 4.79 20.25
C ALA A 13 16.74 5.84 20.76
N GLU A 14 17.48 5.50 21.80
CA GLU A 14 18.45 6.42 22.39
C GLU A 14 19.63 6.68 21.46
N ASP A 15 20.05 5.65 20.73
CA ASP A 15 21.14 5.79 19.79
C ASP A 15 20.75 6.86 18.78
N ALA A 16 19.59 6.69 18.16
CA ALA A 16 19.10 7.63 17.18
C ALA A 16 19.01 9.03 17.78
N ALA A 17 18.53 9.12 19.01
CA ALA A 17 18.41 10.40 19.70
C ALA A 17 19.78 11.04 19.89
N PHE A 18 20.74 10.25 20.36
CA PHE A 18 22.09 10.73 20.58
C PHE A 18 22.70 11.20 19.27
N ILE A 19 22.67 10.35 18.25
CA ILE A 19 23.22 10.66 16.95
C ILE A 19 22.68 11.94 16.33
N MET A 20 21.35 12.05 16.27
CA MET A 20 20.70 13.21 15.69
C MET A 20 20.78 14.47 16.56
N LYS A 21 20.52 14.30 17.85
CA LYS A 21 20.56 15.43 18.77
C LYS A 21 21.92 16.11 18.71
N ASN A 22 22.94 15.35 18.29
CA ASN A 22 24.32 15.86 18.20
C ASN A 22 24.84 16.15 16.80
N ALA A 23 23.99 16.03 15.78
CA ALA A 23 24.42 16.32 14.41
C ALA A 23 24.11 17.79 14.12
N SER A 24 24.48 18.27 12.95
CA SER A 24 24.20 19.67 12.60
C SER A 24 23.21 19.75 11.46
N LYS A 25 23.15 18.69 10.65
CA LYS A 25 22.22 18.65 9.53
C LYS A 25 21.63 17.27 9.31
N VAL A 26 20.30 17.20 9.36
CA VAL A 26 19.57 15.95 9.15
C VAL A 26 18.54 16.11 8.02
N ILE A 27 18.41 15.07 7.21
CA ILE A 27 17.47 15.06 6.11
C ILE A 27 16.55 13.86 6.32
N ILE A 28 15.25 14.15 6.49
CA ILE A 28 14.24 13.12 6.70
C ILE A 28 13.69 12.58 5.39
N VAL A 29 13.61 11.25 5.31
CA VAL A 29 13.08 10.58 4.13
C VAL A 29 11.85 9.76 4.52
N PRO A 30 10.64 10.30 4.25
CA PRO A 30 9.37 9.62 4.58
C PRO A 30 8.90 8.68 3.49
N GLY A 31 8.35 7.53 3.88
CA GLY A 31 7.85 6.58 2.90
C GLY A 31 6.56 5.91 3.34
N TYR A 32 6.15 4.91 2.55
CA TYR A 32 4.92 4.15 2.81
C TYR A 32 4.69 3.86 4.29
N GLY A 33 5.69 3.27 4.93
CA GLY A 33 5.61 2.93 6.33
C GLY A 33 5.13 4.06 7.23
N MET A 34 5.50 5.29 6.92
CA MET A 34 5.06 6.40 7.75
C MET A 34 3.54 6.58 7.61
N ALA A 35 3.03 6.35 6.41
CA ALA A 35 1.61 6.49 6.13
C ALA A 35 0.80 5.38 6.82
N VAL A 36 1.33 4.18 6.83
CA VAL A 36 0.66 3.05 7.46
C VAL A 36 0.44 3.28 8.95
N ALA A 37 1.44 3.86 9.60
CA ALA A 37 1.38 4.12 11.02
C ALA A 37 0.93 5.53 11.35
N GLN A 38 0.69 6.34 10.32
CA GLN A 38 0.27 7.72 10.54
C GLN A 38 1.20 8.38 11.55
N ALA A 39 2.50 8.24 11.30
CA ALA A 39 3.53 8.79 12.17
C ALA A 39 3.91 10.23 11.88
N GLN A 40 3.30 10.85 10.87
CA GLN A 40 3.64 12.22 10.52
C GLN A 40 3.63 13.24 11.66
N HIS A 41 2.66 13.16 12.57
CA HIS A 41 2.61 14.12 13.68
C HIS A 41 3.76 13.91 14.64
N ALA A 42 4.10 12.66 14.89
CA ALA A 42 5.20 12.34 15.79
C ALA A 42 6.49 12.83 15.12
N LEU A 43 6.63 12.52 13.83
CA LEU A 43 7.80 12.92 13.06
C LEU A 43 8.04 14.42 13.09
N ARG A 44 7.00 15.21 12.87
CA ARG A 44 7.14 16.66 12.86
C ARG A 44 7.58 17.16 14.23
N GLU A 45 7.11 16.48 15.27
CA GLU A 45 7.46 16.84 16.64
C GLU A 45 8.96 16.62 16.83
N MET A 46 9.45 15.50 16.33
CA MET A 46 10.87 15.19 16.41
C MET A 46 11.65 16.30 15.72
N ALA A 47 11.22 16.68 14.52
CA ALA A 47 11.88 17.74 13.78
C ALA A 47 11.90 19.02 14.61
N ASP A 48 10.86 19.23 15.39
CA ASP A 48 10.78 20.43 16.23
C ASP A 48 11.79 20.42 17.36
N VAL A 49 12.02 19.26 17.96
CA VAL A 49 12.99 19.15 19.04
C VAL A 49 14.39 19.40 18.47
N LEU A 50 14.67 18.82 17.31
CA LEU A 50 15.97 18.98 16.66
C LEU A 50 16.21 20.43 16.25
N LYS A 51 15.22 21.05 15.63
CA LYS A 51 15.38 22.43 15.18
C LYS A 51 15.64 23.36 16.36
N LYS A 52 15.05 23.05 17.50
CA LYS A 52 15.22 23.84 18.71
C LYS A 52 16.65 23.68 19.24
N GLU A 53 17.24 22.50 18.97
CA GLU A 53 18.62 22.21 19.40
C GLU A 53 19.62 22.71 18.36
N GLY A 54 19.17 23.60 17.47
CA GLY A 54 20.05 24.15 16.45
C GLY A 54 20.28 23.29 15.20
N VAL A 55 19.84 22.04 15.22
CA VAL A 55 20.00 21.14 14.07
C VAL A 55 19.22 21.64 12.85
N GLU A 56 19.76 21.37 11.67
CA GLU A 56 19.12 21.77 10.41
C GLU A 56 18.34 20.62 9.81
N VAL A 57 17.03 20.79 9.69
CA VAL A 57 16.16 19.73 9.17
C VAL A 57 15.45 20.07 7.85
N SER A 58 15.35 19.06 7.00
CA SER A 58 14.67 19.19 5.70
C SER A 58 14.14 17.80 5.32
N TYR A 59 13.14 17.76 4.44
CA TYR A 59 12.55 16.49 4.00
C TYR A 59 12.77 16.25 2.51
N ALA A 60 13.14 15.02 2.17
CA ALA A 60 13.37 14.62 0.79
C ALA A 60 12.22 13.72 0.32
N ILE A 61 11.47 14.18 -0.65
CA ILE A 61 10.34 13.42 -1.17
C ILE A 61 10.61 12.76 -2.52
N HIS A 62 10.46 11.44 -2.58
CA HIS A 62 10.66 10.74 -3.83
C HIS A 62 9.35 10.75 -4.62
N PRO A 63 9.43 10.92 -5.95
CA PRO A 63 8.25 10.96 -6.83
C PRO A 63 7.15 9.92 -6.56
N VAL A 64 7.54 8.70 -6.23
CA VAL A 64 6.58 7.66 -5.94
C VAL A 64 6.72 7.00 -4.56
N ALA A 65 7.08 7.83 -3.58
CA ALA A 65 7.20 7.37 -2.21
C ALA A 65 5.75 7.19 -1.77
N GLY A 66 5.46 6.15 -0.99
CA GLY A 66 4.09 5.95 -0.55
C GLY A 66 3.25 5.17 -1.54
N ARG A 67 1.97 5.53 -1.68
CA ARG A 67 1.11 4.80 -2.60
C ARG A 67 0.32 5.64 -3.60
N MET A 68 0.65 6.92 -3.68
CA MET A 68 0.03 7.81 -4.66
C MET A 68 0.95 9.01 -4.88
N PRO A 69 0.93 9.57 -6.10
CA PRO A 69 1.80 10.73 -6.36
C PRO A 69 1.54 11.84 -5.36
N GLY A 70 2.61 12.35 -4.75
CA GLY A 70 2.47 13.43 -3.77
C GLY A 70 1.90 12.98 -2.44
N HIS A 71 1.92 11.66 -2.22
CA HIS A 71 1.39 11.09 -0.99
C HIS A 71 2.05 11.65 0.28
N MET A 72 3.38 11.73 0.29
CA MET A 72 4.10 12.23 1.45
C MET A 72 3.87 13.71 1.68
N ASN A 73 3.71 14.46 0.61
CA ASN A 73 3.50 15.90 0.74
C ASN A 73 2.25 16.26 1.52
N VAL A 74 1.13 15.61 1.20
CA VAL A 74 -0.11 15.90 1.91
C VAL A 74 -0.05 15.42 3.35
N LEU A 75 0.65 14.32 3.60
CA LEU A 75 0.77 13.82 4.96
C LEU A 75 1.61 14.77 5.82
N LEU A 76 2.69 15.29 5.25
CA LEU A 76 3.52 16.21 5.98
C LEU A 76 2.77 17.52 6.24
N ALA A 77 2.04 18.00 5.23
CA ALA A 77 1.28 19.24 5.38
C ALA A 77 0.24 19.05 6.48
N GLU A 78 -0.29 17.84 6.55
CA GLU A 78 -1.29 17.47 7.54
C GLU A 78 -0.76 17.67 8.95
N ALA A 79 0.52 17.37 9.16
CA ALA A 79 1.18 17.50 10.45
C ALA A 79 1.76 18.89 10.66
N ASN A 80 1.43 19.80 9.76
CA ASN A 80 1.91 21.17 9.82
C ASN A 80 3.40 21.32 9.61
N VAL A 81 3.99 20.39 8.86
CA VAL A 81 5.40 20.47 8.56
C VAL A 81 5.58 21.67 7.63
N PRO A 82 6.40 22.67 8.01
CA PRO A 82 6.62 23.85 7.16
C PRO A 82 6.88 23.50 5.69
N TYR A 83 6.07 24.08 4.81
CA TYR A 83 6.17 23.83 3.36
C TYR A 83 7.56 23.97 2.75
N ASP A 84 8.28 25.02 3.19
CA ASP A 84 9.61 25.29 2.67
C ASP A 84 10.69 24.27 3.07
N GLU A 85 10.38 23.40 4.03
CA GLU A 85 11.34 22.39 4.47
C GLU A 85 11.22 21.08 3.70
N VAL A 86 10.24 21.02 2.80
CA VAL A 86 10.01 19.81 2.01
C VAL A 86 10.58 20.01 0.61
N PHE A 87 11.38 19.06 0.14
CA PHE A 87 12.00 19.16 -1.17
C PHE A 87 11.79 17.91 -2.01
N GLU A 88 11.69 18.10 -3.33
CA GLU A 88 11.52 16.98 -4.23
C GLU A 88 12.90 16.43 -4.55
N LEU A 89 12.97 15.17 -4.92
CA LEU A 89 14.23 14.51 -5.23
C LEU A 89 15.23 15.32 -6.08
N GLU A 90 14.77 15.81 -7.23
CA GLU A 90 15.65 16.55 -8.14
C GLU A 90 16.29 17.79 -7.52
N GLU A 91 15.69 18.36 -6.49
CA GLU A 91 16.27 19.56 -5.90
C GLU A 91 16.91 19.34 -4.53
N ILE A 92 17.19 18.10 -4.16
CA ILE A 92 17.80 17.85 -2.85
C ILE A 92 18.60 16.55 -2.77
N ASN A 93 18.60 15.77 -3.85
CA ASN A 93 19.30 14.50 -3.82
C ASN A 93 20.82 14.67 -3.70
N SER A 94 21.32 15.84 -4.10
CA SER A 94 22.74 16.12 -4.03
C SER A 94 23.17 16.63 -2.66
N SER A 95 22.21 16.97 -1.81
CA SER A 95 22.51 17.49 -0.47
C SER A 95 22.77 16.43 0.59
N PHE A 96 22.64 15.16 0.24
CA PHE A 96 22.86 14.09 1.21
C PHE A 96 24.30 13.98 1.67
N GLN A 97 25.24 14.31 0.78
CA GLN A 97 26.67 14.27 1.08
C GLN A 97 27.06 15.26 2.17
N THR A 98 26.37 16.39 2.21
CA THR A 98 26.67 17.42 3.21
C THR A 98 25.79 17.27 4.45
N ALA A 99 25.17 16.10 4.60
CA ALA A 99 24.29 15.85 5.73
C ALA A 99 24.82 14.74 6.66
N ASP A 100 24.86 15.06 7.95
CA ASP A 100 25.35 14.13 8.97
C ASP A 100 24.48 12.90 9.07
N VAL A 101 23.17 13.12 9.12
CA VAL A 101 22.22 12.01 9.24
C VAL A 101 21.09 12.04 8.22
N ALA A 102 20.74 10.85 7.75
CA ALA A 102 19.66 10.64 6.81
C ALA A 102 18.65 9.77 7.57
N PHE A 103 17.56 10.40 8.02
CA PHE A 103 16.52 9.71 8.78
C PHE A 103 15.47 9.13 7.82
N VAL A 104 15.57 7.83 7.55
CA VAL A 104 14.66 7.17 6.63
C VAL A 104 13.53 6.45 7.36
N ILE A 105 12.43 7.18 7.56
CA ILE A 105 11.27 6.64 8.25
C ILE A 105 10.21 6.04 7.33
N GLY A 106 10.10 4.72 7.40
CA GLY A 106 9.10 4.02 6.60
C GLY A 106 9.37 3.90 5.12
N ALA A 107 10.56 4.27 4.68
CA ALA A 107 10.88 4.18 3.26
C ALA A 107 11.88 3.05 3.04
N ASN A 108 11.88 2.50 1.83
CA ASN A 108 12.78 1.42 1.48
C ASN A 108 13.09 1.54 -0.03
N ASP A 109 12.18 1.04 -0.86
CA ASP A 109 12.34 1.07 -2.31
C ASP A 109 12.80 2.39 -2.90
N VAL A 110 12.44 3.51 -2.30
CA VAL A 110 12.84 4.82 -2.82
C VAL A 110 14.30 5.18 -2.52
N THR A 111 15.05 4.22 -1.98
CA THR A 111 16.46 4.40 -1.64
C THR A 111 17.28 3.29 -2.30
N ASN A 112 16.59 2.22 -2.69
CA ASN A 112 17.20 1.05 -3.29
C ASN A 112 17.26 1.11 -4.83
N PRO A 113 18.47 0.98 -5.42
CA PRO A 113 18.57 1.02 -6.87
C PRO A 113 18.06 -0.28 -7.49
N ALA A 114 18.13 -1.37 -6.72
CA ALA A 114 17.68 -2.68 -7.18
C ALA A 114 16.18 -2.74 -7.33
N ALA A 115 15.49 -1.67 -6.95
CA ALA A 115 14.05 -1.63 -7.02
C ALA A 115 13.49 -1.03 -8.30
N LYS A 116 14.32 -0.31 -9.04
CA LYS A 116 13.85 0.30 -10.28
C LYS A 116 14.26 -0.41 -11.55
N THR A 117 14.34 -1.74 -11.49
CA THR A 117 14.72 -2.54 -12.66
C THR A 117 13.49 -3.25 -13.23
N ASP A 118 12.43 -3.34 -12.44
CA ASP A 118 11.19 -3.97 -12.90
C ASP A 118 10.43 -2.94 -13.74
N PRO A 119 10.14 -3.28 -15.01
CA PRO A 119 9.41 -2.37 -15.92
C PRO A 119 7.92 -2.22 -15.62
N SER A 120 7.38 -3.09 -14.77
CA SER A 120 5.97 -3.03 -14.41
C SER A 120 5.75 -2.27 -13.10
N SER A 121 6.78 -1.60 -12.61
CA SER A 121 6.68 -0.85 -11.36
C SER A 121 6.59 0.64 -11.59
N PRO A 122 5.85 1.35 -10.72
CA PRO A 122 5.69 2.80 -10.84
C PRO A 122 7.01 3.55 -10.68
N ILE A 123 8.03 2.86 -10.20
CA ILE A 123 9.34 3.47 -9.98
C ILE A 123 10.36 3.17 -11.08
N TYR A 124 10.01 2.26 -11.98
CA TYR A 124 10.90 1.88 -13.08
C TYR A 124 11.57 3.08 -13.74
N GLY A 125 12.89 2.99 -13.87
CA GLY A 125 13.66 4.04 -14.50
C GLY A 125 13.62 5.40 -13.83
N MET A 126 13.53 5.43 -12.51
CA MET A 126 13.50 6.71 -11.81
C MET A 126 14.71 6.82 -10.89
N PRO A 127 15.23 8.04 -10.72
CA PRO A 127 16.39 8.20 -9.84
C PRO A 127 16.03 7.82 -8.41
N ILE A 128 16.99 7.25 -7.69
CA ILE A 128 16.79 6.85 -6.31
C ILE A 128 17.34 7.93 -5.38
N LEU A 129 16.94 7.91 -4.12
CA LEU A 129 17.44 8.88 -3.16
C LEU A 129 18.79 8.40 -2.61
N ASP A 130 19.80 9.27 -2.71
CA ASP A 130 21.15 8.95 -2.24
C ASP A 130 21.32 9.12 -0.74
N VAL A 131 20.76 8.20 0.03
CA VAL A 131 20.88 8.29 1.48
C VAL A 131 22.28 7.93 1.98
N GLU A 132 22.95 7.02 1.27
CA GLU A 132 24.30 6.58 1.65
C GLU A 132 25.29 7.73 1.72
N LYS A 133 25.12 8.73 0.86
CA LYS A 133 26.00 9.89 0.81
C LYS A 133 26.06 10.71 2.09
N ALA A 134 25.24 10.33 3.08
CA ALA A 134 25.23 11.06 4.35
C ALA A 134 26.04 10.34 5.42
N GLY A 135 26.45 11.10 6.44
CA GLY A 135 27.25 10.51 7.51
C GLY A 135 26.65 9.20 8.01
N THR A 136 25.46 9.29 8.58
CA THR A 136 24.78 8.12 9.10
C THR A 136 23.39 7.97 8.47
N VAL A 137 22.96 6.73 8.30
CA VAL A 137 21.67 6.43 7.71
C VAL A 137 20.83 5.58 8.66
N LEU A 138 19.75 6.17 9.18
CA LEU A 138 18.84 5.47 10.08
C LEU A 138 17.64 4.95 9.31
N PHE A 139 17.34 3.66 9.48
CA PHE A 139 16.20 3.03 8.80
C PHE A 139 15.16 2.59 9.82
N ILE A 140 14.06 3.33 9.89
CA ILE A 140 12.99 2.96 10.80
C ILE A 140 11.95 2.10 10.11
N LYS A 141 11.86 0.84 10.52
CA LYS A 141 10.88 -0.08 9.97
C LYS A 141 10.73 -1.24 10.94
N ARG A 142 9.72 -2.06 10.73
CA ARG A 142 9.44 -3.17 11.64
C ARG A 142 10.40 -4.35 11.57
N SER A 143 10.99 -4.60 10.40
CA SER A 143 11.91 -5.72 10.25
C SER A 143 12.88 -5.52 9.10
N MET A 144 13.36 -6.64 8.58
CA MET A 144 14.30 -6.65 7.46
C MET A 144 13.57 -7.03 6.18
N ALA A 145 12.24 -6.92 6.22
CA ALA A 145 11.40 -7.26 5.07
C ALA A 145 11.56 -6.25 3.94
N SER A 146 11.27 -6.70 2.72
CA SER A 146 11.38 -5.84 1.54
C SER A 146 10.16 -4.92 1.40
N GLY A 147 10.18 -4.09 0.35
CA GLY A 147 9.07 -3.19 0.11
C GLY A 147 8.17 -3.67 -1.00
N TYR A 148 7.50 -2.74 -1.65
CA TYR A 148 6.59 -3.06 -2.75
C TYR A 148 7.32 -3.78 -3.89
N ALA A 149 8.60 -3.46 -4.07
CA ALA A 149 9.40 -4.07 -5.13
C ALA A 149 9.73 -5.55 -4.85
N GLY A 150 9.71 -5.94 -3.58
CA GLY A 150 9.99 -7.32 -3.22
C GLY A 150 11.46 -7.70 -3.26
N VAL A 151 12.32 -6.74 -3.60
CA VAL A 151 13.75 -6.98 -3.68
C VAL A 151 14.45 -6.53 -2.39
N GLU A 152 15.64 -7.09 -2.16
CA GLU A 152 16.44 -6.77 -0.97
C GLU A 152 17.23 -5.48 -1.16
N ASN A 153 17.34 -4.69 -0.10
CA ASN A 153 18.08 -3.43 -0.13
C ASN A 153 19.48 -3.66 0.45
N GLU A 154 20.50 -3.30 -0.33
CA GLU A 154 21.87 -3.50 0.10
C GLU A 154 22.42 -2.41 1.02
N LEU A 155 21.60 -1.41 1.33
CA LEU A 155 22.04 -0.35 2.22
C LEU A 155 21.86 -0.78 3.66
N PHE A 156 21.06 -1.81 3.88
CA PHE A 156 20.83 -2.31 5.22
C PHE A 156 22.11 -2.88 5.80
N PHE A 157 23.05 -3.20 4.92
CA PHE A 157 24.31 -3.80 5.33
C PHE A 157 25.54 -2.87 5.34
N ARG A 158 25.37 -1.66 4.81
CA ARG A 158 26.47 -0.68 4.79
C ARG A 158 27.02 -0.43 6.19
N ASN A 159 28.15 0.25 6.26
CA ASN A 159 28.77 0.56 7.54
C ASN A 159 28.07 1.70 8.25
N ASN A 160 27.67 2.71 7.48
CA ASN A 160 27.01 3.88 8.04
C ASN A 160 25.50 3.71 8.19
N THR A 161 25.04 2.45 8.15
CA THR A 161 23.62 2.17 8.26
C THR A 161 23.20 1.45 9.53
N MET A 162 22.31 2.09 10.29
CA MET A 162 21.78 1.56 11.53
C MET A 162 20.28 1.30 11.43
N MET A 163 19.86 0.09 11.74
CA MET A 163 18.44 -0.27 11.69
C MET A 163 17.77 -0.01 13.04
N LEU A 164 16.62 0.65 13.00
CA LEU A 164 15.83 0.95 14.20
C LEU A 164 14.50 0.23 14.04
N PHE A 165 14.47 -1.06 14.37
CA PHE A 165 13.27 -1.86 14.24
C PHE A 165 12.16 -1.49 15.19
N GLY A 166 10.96 -1.37 14.63
CA GLY A 166 9.79 -1.01 15.40
C GLY A 166 8.79 -0.30 14.51
N ASP A 167 7.64 0.07 15.08
CA ASP A 167 6.60 0.76 14.34
C ASP A 167 7.03 2.20 14.05
N ALA A 168 6.80 2.66 12.82
CA ALA A 168 7.20 4.02 12.45
C ALA A 168 6.75 5.06 13.47
N LYS A 169 5.50 4.97 13.93
CA LYS A 169 4.99 5.93 14.89
C LYS A 169 5.51 5.72 16.29
N LYS A 170 5.46 4.47 16.76
CA LYS A 170 5.92 4.13 18.10
C LYS A 170 7.41 4.47 18.29
N MET A 171 8.25 4.00 17.37
CA MET A 171 9.68 4.27 17.45
C MET A 171 9.99 5.77 17.43
N THR A 172 9.33 6.52 16.55
CA THR A 172 9.58 7.96 16.48
C THR A 172 9.17 8.62 17.79
N GLU A 173 8.14 8.09 18.43
CA GLU A 173 7.67 8.63 19.71
C GLU A 173 8.70 8.38 20.80
N GLN A 174 9.28 7.19 20.81
CA GLN A 174 10.30 6.83 21.78
C GLN A 174 11.54 7.70 21.58
N ILE A 175 11.90 7.94 20.33
CA ILE A 175 13.05 8.76 20.02
C ILE A 175 12.83 10.19 20.54
N VAL A 176 11.62 10.71 20.37
CA VAL A 176 11.32 12.06 20.84
C VAL A 176 11.53 12.14 22.35
N GLN A 177 10.94 11.18 23.06
CA GLN A 177 11.05 11.09 24.51
C GLN A 177 12.51 11.02 24.92
N ALA A 178 13.26 10.13 24.28
CA ALA A 178 14.66 9.95 24.57
C ALA A 178 15.46 11.22 24.32
N MET A 179 14.94 12.12 23.49
CA MET A 179 15.63 13.36 23.16
C MET A 179 15.57 14.47 24.19
N ASN A 180 14.44 14.59 24.87
CA ASN A 180 14.29 15.62 25.90
C ASN A 180 15.36 15.49 26.98
N ILE B 4 -31.39 -16.05 -11.77
CA ILE B 4 -30.77 -17.04 -12.70
C ILE B 4 -31.11 -16.79 -14.19
N GLU B 5 -30.08 -16.56 -14.99
CA GLU B 5 -30.22 -16.34 -16.43
C GLU B 5 -29.07 -17.06 -17.12
N GLY B 6 -29.38 -17.85 -18.15
CA GLY B 6 -28.32 -18.58 -18.84
C GLY B 6 -27.66 -19.60 -17.92
N ARG B 7 -26.33 -19.69 -17.98
CA ARG B 7 -25.58 -20.63 -17.15
C ARG B 7 -25.05 -19.96 -15.87
N HIS B 8 -25.57 -18.78 -15.54
CA HIS B 8 -25.13 -18.03 -14.36
C HIS B 8 -26.26 -17.52 -13.45
N MET B 9 -25.86 -17.06 -12.26
CA MET B 9 -26.79 -16.54 -11.26
C MET B 9 -26.73 -15.00 -11.20
N ALA B 10 -27.87 -14.34 -11.37
CA ALA B 10 -27.92 -12.88 -11.35
C ALA B 10 -28.68 -12.29 -10.17
N GLY B 11 -27.95 -11.88 -9.14
CA GLY B 11 -28.58 -11.30 -7.97
C GLY B 11 -28.72 -9.79 -8.04
N SER B 12 -29.39 -9.19 -7.07
CA SER B 12 -29.57 -7.74 -7.04
C SER B 12 -28.76 -7.12 -5.91
N ALA B 13 -28.86 -5.80 -5.78
CA ALA B 13 -28.13 -5.09 -4.74
C ALA B 13 -28.51 -5.67 -3.37
N GLU B 14 -29.80 -5.74 -3.10
CA GLU B 14 -30.30 -6.27 -1.83
C GLU B 14 -29.78 -7.66 -1.54
N ASP B 15 -29.63 -8.49 -2.57
CA ASP B 15 -29.12 -9.83 -2.36
C ASP B 15 -27.70 -9.76 -1.84
N ALA B 16 -26.88 -8.98 -2.52
CA ALA B 16 -25.47 -8.80 -2.15
C ALA B 16 -25.37 -8.18 -0.76
N ALA B 17 -26.16 -7.14 -0.53
CA ALA B 17 -26.17 -6.47 0.77
C ALA B 17 -26.46 -7.49 1.86
N PHE B 18 -27.44 -8.34 1.59
CA PHE B 18 -27.84 -9.36 2.54
C PHE B 18 -26.71 -10.36 2.83
N ILE B 19 -26.10 -10.88 1.78
CA ILE B 19 -25.03 -11.85 1.95
C ILE B 19 -23.85 -11.29 2.73
N MET B 20 -23.43 -10.07 2.39
CA MET B 20 -22.28 -9.47 3.04
C MET B 20 -22.45 -8.93 4.45
N LYS B 21 -23.55 -8.26 4.74
CA LYS B 21 -23.72 -7.73 6.09
C LYS B 21 -23.92 -8.87 7.09
N ASN B 22 -24.19 -10.06 6.58
CA ASN B 22 -24.38 -11.21 7.44
C ASN B 22 -23.20 -12.15 7.38
N ALA B 23 -22.15 -11.73 6.71
CA ALA B 23 -20.93 -12.54 6.59
C ALA B 23 -19.97 -12.15 7.73
N SER B 24 -18.87 -12.88 7.84
CA SER B 24 -17.89 -12.61 8.89
C SER B 24 -16.59 -12.03 8.34
N LYS B 25 -16.17 -12.57 7.20
CA LYS B 25 -14.95 -12.12 6.54
C LYS B 25 -15.24 -11.84 5.07
N VAL B 26 -14.97 -10.61 4.65
CA VAL B 26 -15.19 -10.20 3.27
C VAL B 26 -13.89 -9.66 2.68
N ILE B 27 -13.58 -10.08 1.46
CA ILE B 27 -12.38 -9.60 0.79
C ILE B 27 -12.75 -8.90 -0.51
N ILE B 28 -12.41 -7.63 -0.59
CA ILE B 28 -12.70 -6.79 -1.75
C ILE B 28 -11.61 -6.87 -2.81
N VAL B 29 -12.02 -7.07 -4.06
CA VAL B 29 -11.11 -7.17 -5.18
C VAL B 29 -11.47 -6.12 -6.22
N PRO B 30 -10.73 -4.99 -6.24
CA PRO B 30 -11.02 -3.93 -7.21
C PRO B 30 -10.29 -4.14 -8.53
N GLY B 31 -10.91 -3.73 -9.63
CA GLY B 31 -10.30 -3.87 -10.94
C GLY B 31 -10.60 -2.66 -11.81
N TYR B 32 -10.20 -2.73 -13.08
CA TYR B 32 -10.41 -1.63 -14.03
C TYR B 32 -11.81 -1.00 -14.00
N GLY B 33 -12.84 -1.84 -13.87
CA GLY B 33 -14.20 -1.34 -13.83
C GLY B 33 -14.46 -0.34 -12.72
N MET B 34 -13.79 -0.52 -11.57
CA MET B 34 -13.97 0.38 -10.44
C MET B 34 -13.39 1.75 -10.77
N ALA B 35 -12.28 1.75 -11.50
CA ALA B 35 -11.62 2.99 -11.90
C ALA B 35 -12.51 3.76 -12.88
N VAL B 36 -13.06 3.04 -13.86
CA VAL B 36 -13.92 3.66 -14.87
C VAL B 36 -15.12 4.33 -14.23
N ALA B 37 -15.74 3.64 -13.28
CA ALA B 37 -16.91 4.18 -12.61
C ALA B 37 -16.52 5.15 -11.50
N GLN B 38 -15.24 5.18 -11.15
CA GLN B 38 -14.75 6.06 -10.09
C GLN B 38 -15.54 5.73 -8.83
N ALA B 39 -15.71 4.44 -8.59
CA ALA B 39 -16.48 3.94 -7.47
C ALA B 39 -15.68 3.69 -6.20
N GLN B 40 -14.42 4.12 -6.16
CA GLN B 40 -13.61 3.85 -4.98
C GLN B 40 -14.13 4.50 -3.70
N HIS B 41 -14.79 5.64 -3.80
CA HIS B 41 -15.30 6.29 -2.61
C HIS B 41 -16.54 5.60 -2.10
N ALA B 42 -17.37 5.11 -3.01
CA ALA B 42 -18.58 4.39 -2.63
C ALA B 42 -18.14 3.07 -2.01
N LEU B 43 -17.06 2.51 -2.55
CA LEU B 43 -16.53 1.25 -2.05
C LEU B 43 -16.09 1.40 -0.60
N ARG B 44 -15.37 2.48 -0.30
CA ARG B 44 -14.91 2.71 1.06
C ARG B 44 -16.10 2.85 2.00
N GLU B 45 -17.19 3.48 1.53
CA GLU B 45 -18.37 3.65 2.37
C GLU B 45 -18.99 2.31 2.71
N MET B 46 -18.99 1.40 1.73
CA MET B 46 -19.54 0.08 1.93
C MET B 46 -18.69 -0.68 2.93
N ALA B 47 -17.37 -0.51 2.81
CA ALA B 47 -16.44 -1.18 3.72
C ALA B 47 -16.68 -0.67 5.12
N ASP B 48 -16.97 0.62 5.26
CA ASP B 48 -17.23 1.21 6.57
C ASP B 48 -18.51 0.69 7.20
N VAL B 49 -19.55 0.53 6.39
CA VAL B 49 -20.82 0.03 6.88
C VAL B 49 -20.68 -1.43 7.30
N LEU B 50 -19.94 -2.19 6.51
CA LEU B 50 -19.71 -3.58 6.81
C LEU B 50 -18.92 -3.73 8.08
N LYS B 51 -17.90 -2.89 8.26
CA LYS B 51 -17.08 -2.97 9.46
C LYS B 51 -17.85 -2.56 10.70
N LYS B 52 -18.85 -1.70 10.54
CA LYS B 52 -19.66 -1.26 11.67
C LYS B 52 -20.59 -2.40 12.09
N GLU B 53 -20.75 -3.37 11.20
CA GLU B 53 -21.58 -4.54 11.47
C GLU B 53 -20.67 -5.66 11.96
N GLY B 54 -19.45 -5.28 12.35
CA GLY B 54 -18.51 -6.26 12.84
C GLY B 54 -17.99 -7.26 11.79
N VAL B 55 -18.14 -6.92 10.52
CA VAL B 55 -17.66 -7.80 9.45
C VAL B 55 -16.18 -7.51 9.26
N GLU B 56 -15.38 -8.54 9.01
CA GLU B 56 -13.95 -8.36 8.81
C GLU B 56 -13.65 -8.06 7.34
N VAL B 57 -13.20 -6.83 7.08
CA VAL B 57 -12.92 -6.39 5.72
C VAL B 57 -11.45 -6.17 5.37
N SER B 58 -11.09 -6.50 4.13
CA SER B 58 -9.74 -6.29 3.62
C SER B 58 -9.80 -6.21 2.08
N TYR B 59 -8.76 -5.65 1.46
CA TYR B 59 -8.72 -5.50 0.01
C TYR B 59 -7.58 -6.29 -0.61
N ALA B 60 -7.87 -7.01 -1.69
CA ALA B 60 -6.88 -7.82 -2.42
C ALA B 60 -6.45 -7.10 -3.70
N ILE B 61 -5.18 -6.68 -3.75
CA ILE B 61 -4.65 -5.93 -4.89
C ILE B 61 -3.75 -6.72 -5.84
N HIS B 62 -4.13 -6.75 -7.11
CA HIS B 62 -3.32 -7.41 -8.11
C HIS B 62 -2.48 -6.29 -8.74
N PRO B 63 -1.16 -6.50 -8.86
CA PRO B 63 -0.27 -5.48 -9.43
C PRO B 63 -0.63 -4.92 -10.80
N VAL B 64 -1.32 -5.72 -11.62
CA VAL B 64 -1.70 -5.25 -12.95
C VAL B 64 -3.20 -5.03 -13.18
N ALA B 65 -3.97 -4.95 -12.09
CA ALA B 65 -5.40 -4.70 -12.24
C ALA B 65 -5.48 -3.25 -12.71
N GLY B 66 -6.47 -2.94 -13.53
CA GLY B 66 -6.59 -1.58 -14.03
C GLY B 66 -5.84 -1.40 -15.34
N ARG B 67 -5.28 -0.21 -15.55
CA ARG B 67 -4.54 0.07 -16.78
C ARG B 67 -3.20 0.78 -16.58
N MET B 68 -2.65 0.67 -15.37
CA MET B 68 -1.35 1.26 -15.08
C MET B 68 -0.80 0.58 -13.83
N PRO B 69 0.53 0.57 -13.64
CA PRO B 69 1.16 -0.06 -12.47
C PRO B 69 0.55 0.40 -11.14
N GLY B 70 0.16 -0.55 -10.30
CA GLY B 70 -0.44 -0.23 -9.01
C GLY B 70 -1.60 0.74 -9.10
N HIS B 71 -2.37 0.62 -10.18
CA HIS B 71 -3.54 1.48 -10.42
C HIS B 71 -4.49 1.44 -9.22
N MET B 72 -4.80 0.25 -8.73
CA MET B 72 -5.71 0.11 -7.60
C MET B 72 -5.17 0.73 -6.33
N ASN B 73 -3.86 0.67 -6.12
CA ASN B 73 -3.26 1.24 -4.93
C ASN B 73 -3.49 2.74 -4.90
N VAL B 74 -3.30 3.36 -6.06
CA VAL B 74 -3.46 4.81 -6.18
C VAL B 74 -4.90 5.25 -5.92
N LEU B 75 -5.86 4.57 -6.54
CA LEU B 75 -7.25 4.94 -6.34
C LEU B 75 -7.65 4.78 -4.88
N LEU B 76 -7.25 3.66 -4.26
CA LEU B 76 -7.57 3.42 -2.87
C LEU B 76 -6.86 4.41 -1.96
N ALA B 77 -5.66 4.83 -2.35
CA ALA B 77 -4.92 5.80 -1.54
C ALA B 77 -5.64 7.14 -1.56
N GLU B 78 -6.14 7.51 -2.74
CA GLU B 78 -6.88 8.77 -2.89
C GLU B 78 -8.16 8.70 -2.07
N ALA B 79 -8.75 7.50 -2.01
CA ALA B 79 -10.00 7.26 -1.28
C ALA B 79 -9.76 7.21 0.22
N ASN B 80 -8.49 7.19 0.62
CA ASN B 80 -8.08 7.15 2.02
C ASN B 80 -8.45 5.88 2.77
N VAL B 81 -8.38 4.75 2.08
CA VAL B 81 -8.67 3.45 2.66
C VAL B 81 -7.51 3.11 3.61
N PRO B 82 -7.82 2.59 4.82
CA PRO B 82 -6.76 2.24 5.77
C PRO B 82 -5.75 1.27 5.17
N TYR B 83 -4.49 1.66 5.14
CA TYR B 83 -3.43 0.83 4.58
C TYR B 83 -3.32 -0.56 5.16
N ASP B 84 -3.57 -0.70 6.46
CA ASP B 84 -3.50 -2.01 7.10
C ASP B 84 -4.61 -2.95 6.63
N GLU B 85 -5.44 -2.48 5.70
CA GLU B 85 -6.55 -3.27 5.17
C GLU B 85 -6.28 -3.67 3.72
N VAL B 86 -5.28 -3.04 3.12
CA VAL B 86 -4.92 -3.31 1.72
C VAL B 86 -3.73 -4.26 1.63
N PHE B 87 -3.92 -5.37 0.92
CA PHE B 87 -2.86 -6.37 0.79
C PHE B 87 -2.53 -6.67 -0.65
N GLU B 88 -1.26 -6.96 -0.93
CA GLU B 88 -0.82 -7.30 -2.27
C GLU B 88 -1.11 -8.78 -2.50
N LEU B 89 -1.14 -9.19 -3.76
CA LEU B 89 -1.44 -10.58 -4.11
C LEU B 89 -0.68 -11.61 -3.28
N GLU B 90 0.65 -11.51 -3.26
CA GLU B 90 1.47 -12.45 -2.51
C GLU B 90 0.91 -12.77 -1.13
N GLU B 91 0.78 -11.75 -0.28
CA GLU B 91 0.30 -11.96 1.07
C GLU B 91 -1.20 -11.94 1.28
N ILE B 92 -1.97 -12.32 0.26
CA ILE B 92 -3.42 -12.28 0.42
C ILE B 92 -4.13 -13.52 -0.14
N ASN B 93 -3.55 -14.12 -1.19
CA ASN B 93 -4.16 -15.30 -1.81
C ASN B 93 -4.47 -16.42 -0.82
N SER B 94 -3.60 -16.61 0.16
CA SER B 94 -3.79 -17.66 1.15
C SER B 94 -5.01 -17.37 2.02
N SER B 95 -5.41 -16.11 2.10
CA SER B 95 -6.55 -15.71 2.92
C SER B 95 -7.94 -15.92 2.32
N PHE B 96 -8.01 -16.07 1.00
CA PHE B 96 -9.30 -16.26 0.34
C PHE B 96 -10.08 -17.47 0.85
N GLN B 97 -9.39 -18.61 0.95
CA GLN B 97 -10.02 -19.86 1.41
C GLN B 97 -10.78 -19.77 2.73
N THR B 98 -10.47 -18.77 3.54
CA THR B 98 -11.13 -18.60 4.84
C THR B 98 -12.08 -17.39 4.85
N ALA B 99 -12.44 -16.91 3.67
CA ALA B 99 -13.34 -15.76 3.56
C ALA B 99 -14.72 -16.16 3.06
N ASP B 100 -15.75 -15.64 3.72
CA ASP B 100 -17.13 -15.95 3.37
C ASP B 100 -17.46 -15.42 1.98
N VAL B 101 -17.17 -14.14 1.76
CA VAL B 101 -17.46 -13.51 0.48
C VAL B 101 -16.25 -12.82 -0.14
N ALA B 102 -16.15 -12.93 -1.45
CA ALA B 102 -15.10 -12.30 -2.23
C ALA B 102 -15.83 -11.31 -3.13
N PHE B 103 -15.85 -10.04 -2.71
CA PHE B 103 -16.52 -8.98 -3.45
C PHE B 103 -15.63 -8.44 -4.58
N VAL B 104 -15.84 -8.94 -5.79
CA VAL B 104 -15.05 -8.51 -6.95
C VAL B 104 -15.74 -7.36 -7.67
N ILE B 105 -15.21 -6.16 -7.51
CA ILE B 105 -15.80 -4.98 -8.12
C ILE B 105 -15.02 -4.47 -9.34
N GLY B 106 -15.60 -4.67 -10.51
CA GLY B 106 -14.98 -4.22 -11.74
C GLY B 106 -13.68 -4.92 -12.16
N ALA B 107 -13.42 -6.09 -11.58
CA ALA B 107 -12.22 -6.85 -11.93
C ALA B 107 -12.66 -8.11 -12.68
N ASN B 108 -11.76 -8.70 -13.46
CA ASN B 108 -12.08 -9.90 -14.24
C ASN B 108 -10.83 -10.72 -14.54
N ASP B 109 -10.03 -10.27 -15.49
CA ASP B 109 -8.81 -10.97 -15.88
C ASP B 109 -7.93 -11.35 -14.69
N VAL B 110 -7.89 -10.51 -13.67
CA VAL B 110 -7.04 -10.79 -12.50
C VAL B 110 -7.59 -11.91 -11.64
N THR B 111 -8.67 -12.56 -12.08
CA THR B 111 -9.29 -13.64 -11.32
C THR B 111 -9.47 -14.90 -12.14
N ASN B 112 -9.32 -14.79 -13.47
CA ASN B 112 -9.51 -15.92 -14.39
C ASN B 112 -8.64 -17.14 -14.11
N PRO B 113 -9.26 -18.29 -13.80
CA PRO B 113 -8.52 -19.53 -13.53
C PRO B 113 -7.80 -20.04 -14.77
N ALA B 114 -8.32 -19.67 -15.94
CA ALA B 114 -7.74 -20.08 -17.22
C ALA B 114 -6.28 -19.66 -17.31
N ALA B 115 -5.79 -18.98 -16.28
CA ALA B 115 -4.40 -18.53 -16.25
C ALA B 115 -3.50 -19.59 -15.64
N LYS B 116 -4.12 -20.69 -15.18
CA LYS B 116 -3.37 -21.77 -14.57
C LYS B 116 -4.08 -23.12 -14.75
N THR B 117 -4.85 -23.25 -15.83
CA THR B 117 -5.57 -24.49 -16.11
C THR B 117 -5.78 -24.68 -17.61
N ASP B 118 -5.48 -23.64 -18.38
CA ASP B 118 -5.62 -23.71 -19.84
C ASP B 118 -4.31 -23.25 -20.47
N PRO B 119 -3.30 -24.14 -20.52
CA PRO B 119 -2.01 -23.79 -21.12
C PRO B 119 -2.07 -23.12 -22.49
N SER B 120 -3.24 -23.15 -23.12
CA SER B 120 -3.41 -22.54 -24.44
C SER B 120 -4.06 -21.15 -24.38
N SER B 121 -4.40 -20.70 -23.19
CA SER B 121 -5.03 -19.40 -23.04
C SER B 121 -3.97 -18.31 -22.95
N PRO B 122 -4.19 -17.18 -23.64
CA PRO B 122 -3.24 -16.07 -23.63
C PRO B 122 -2.77 -15.63 -22.24
N ILE B 123 -3.65 -15.72 -21.26
CA ILE B 123 -3.31 -15.31 -19.89
C ILE B 123 -2.63 -16.38 -19.05
N TYR B 124 -2.35 -17.54 -19.65
CA TYR B 124 -1.70 -18.62 -18.91
C TYR B 124 -0.36 -18.17 -18.32
N GLY B 125 -0.10 -18.55 -17.07
CA GLY B 125 1.14 -18.17 -16.44
C GLY B 125 1.00 -16.93 -15.57
N MET B 126 0.14 -16.01 -15.97
CA MET B 126 -0.08 -14.78 -15.22
C MET B 126 -0.59 -15.05 -13.81
N PRO B 127 0.02 -14.43 -12.80
CA PRO B 127 -0.44 -14.66 -11.42
C PRO B 127 -1.85 -14.08 -11.26
N ILE B 128 -2.71 -14.74 -10.49
CA ILE B 128 -4.05 -14.25 -10.30
C ILE B 128 -4.51 -14.35 -8.85
N LEU B 129 -5.68 -13.80 -8.57
CA LEU B 129 -6.22 -13.85 -7.23
C LEU B 129 -7.15 -15.04 -7.13
N ASP B 130 -6.90 -15.91 -6.14
CA ASP B 130 -7.70 -17.11 -5.91
C ASP B 130 -9.05 -16.79 -5.29
N VAL B 131 -9.85 -16.01 -6.01
CA VAL B 131 -11.17 -15.63 -5.52
C VAL B 131 -12.14 -16.81 -5.47
N GLU B 132 -11.88 -17.82 -6.30
CA GLU B 132 -12.73 -19.00 -6.34
C GLU B 132 -12.75 -19.72 -4.99
N LYS B 133 -11.59 -19.76 -4.34
CA LYS B 133 -11.45 -20.41 -3.04
C LYS B 133 -12.33 -19.80 -1.96
N ALA B 134 -12.99 -18.69 -2.26
CA ALA B 134 -13.85 -18.04 -1.27
C ALA B 134 -15.19 -18.73 -1.15
N GLY B 135 -15.90 -18.45 -0.06
CA GLY B 135 -17.20 -19.04 0.16
C GLY B 135 -18.06 -18.76 -1.07
N THR B 136 -18.47 -17.52 -1.23
CA THR B 136 -19.24 -17.13 -2.38
C THR B 136 -18.49 -15.99 -3.06
N VAL B 137 -18.63 -15.89 -4.37
CA VAL B 137 -17.97 -14.84 -5.13
C VAL B 137 -18.99 -13.94 -5.79
N LEU B 138 -18.88 -12.64 -5.52
CA LEU B 138 -19.78 -11.67 -6.11
C LEU B 138 -19.03 -10.86 -7.16
N PHE B 139 -19.55 -10.84 -8.38
CA PHE B 139 -18.92 -10.09 -9.47
C PHE B 139 -19.77 -8.90 -9.86
N ILE B 140 -19.18 -7.71 -9.78
CA ILE B 140 -19.88 -6.51 -10.20
C ILE B 140 -19.28 -6.10 -11.54
N LYS B 141 -20.14 -6.00 -12.54
CA LYS B 141 -19.74 -5.59 -13.89
C LYS B 141 -21.03 -5.36 -14.65
N ARG B 142 -20.95 -4.64 -15.76
CA ARG B 142 -22.15 -4.31 -16.53
C ARG B 142 -22.81 -5.44 -17.31
N SER B 143 -22.03 -6.42 -17.74
CA SER B 143 -22.59 -7.50 -18.52
C SER B 143 -21.72 -8.74 -18.43
N MET B 144 -21.87 -9.64 -19.41
CA MET B 144 -21.09 -10.86 -19.45
C MET B 144 -19.84 -10.61 -20.29
N ALA B 145 -19.70 -9.36 -20.73
CA ALA B 145 -18.57 -8.93 -21.55
C ALA B 145 -17.23 -9.37 -20.96
N SER B 146 -16.27 -9.61 -21.84
CA SER B 146 -14.93 -10.04 -21.41
C SER B 146 -14.09 -8.84 -20.96
N GLY B 147 -12.92 -9.14 -20.40
CA GLY B 147 -12.02 -8.09 -19.96
C GLY B 147 -11.01 -7.72 -21.03
N TYR B 148 -9.90 -7.13 -20.61
CA TYR B 148 -8.85 -6.71 -21.54
C TYR B 148 -8.37 -7.86 -22.42
N ALA B 149 -8.02 -8.98 -21.80
CA ALA B 149 -7.54 -10.17 -22.50
C ALA B 149 -8.52 -10.72 -23.53
N GLY B 150 -9.78 -10.31 -23.43
CA GLY B 150 -10.80 -10.76 -24.37
C GLY B 150 -11.22 -12.22 -24.26
N VAL B 151 -10.70 -12.93 -23.27
CA VAL B 151 -11.05 -14.33 -23.06
C VAL B 151 -12.23 -14.47 -22.08
N GLU B 152 -12.69 -15.70 -21.88
CA GLU B 152 -13.82 -15.96 -21.00
C GLU B 152 -13.42 -16.37 -19.59
N ASN B 153 -14.26 -16.01 -18.61
CA ASN B 153 -13.99 -16.36 -17.23
C ASN B 153 -14.98 -17.42 -16.78
N GLU B 154 -14.47 -18.63 -16.56
CA GLU B 154 -15.31 -19.75 -16.15
C GLU B 154 -16.02 -19.46 -14.82
N LEU B 155 -15.36 -18.71 -13.94
CA LEU B 155 -15.92 -18.39 -12.64
C LEU B 155 -17.34 -17.84 -12.68
N PHE B 156 -17.72 -17.18 -13.77
CA PHE B 156 -19.06 -16.61 -13.85
C PHE B 156 -20.12 -17.68 -13.93
N PHE B 157 -19.70 -18.94 -14.04
CA PHE B 157 -20.66 -20.02 -14.17
C PHE B 157 -20.72 -21.00 -13.02
N ARG B 158 -19.76 -20.90 -12.10
CA ARG B 158 -19.75 -21.81 -10.96
C ARG B 158 -20.97 -21.60 -10.08
N ASN B 159 -21.21 -22.55 -9.17
CA ASN B 159 -22.38 -22.49 -8.30
C ASN B 159 -22.32 -21.43 -7.21
N ASN B 160 -21.11 -21.15 -6.72
CA ASN B 160 -20.95 -20.16 -5.65
C ASN B 160 -20.68 -18.76 -6.16
N THR B 161 -20.99 -18.52 -7.43
CA THR B 161 -20.78 -17.22 -8.05
C THR B 161 -22.07 -16.49 -8.41
N MET B 162 -22.23 -15.29 -7.88
CA MET B 162 -23.40 -14.47 -8.17
C MET B 162 -22.98 -13.23 -8.95
N MET B 163 -23.65 -12.97 -10.07
CA MET B 163 -23.34 -11.79 -10.87
C MET B 163 -24.25 -10.65 -10.46
N LEU B 164 -23.65 -9.47 -10.30
CA LEU B 164 -24.37 -8.25 -9.95
C LEU B 164 -24.15 -7.28 -11.09
N PHE B 165 -25.04 -7.33 -12.08
CA PHE B 165 -24.95 -6.50 -13.27
C PHE B 165 -25.33 -5.05 -13.07
N GLY B 166 -24.39 -4.17 -13.42
CA GLY B 166 -24.61 -2.73 -13.29
C GLY B 166 -23.32 -1.95 -13.20
N ASP B 167 -23.40 -0.63 -13.26
CA ASP B 167 -22.21 0.22 -13.16
C ASP B 167 -21.62 0.09 -11.75
N ALA B 168 -20.31 -0.11 -11.66
CA ALA B 168 -19.65 -0.27 -10.37
C ALA B 168 -20.00 0.78 -9.33
N LYS B 169 -20.14 2.04 -9.73
CA LYS B 169 -20.47 3.09 -8.77
C LYS B 169 -21.92 2.97 -8.31
N LYS B 170 -22.85 2.91 -9.24
CA LYS B 170 -24.27 2.80 -8.92
C LYS B 170 -24.64 1.54 -8.11
N MET B 171 -24.12 0.40 -8.53
CA MET B 171 -24.39 -0.86 -7.86
C MET B 171 -23.90 -0.82 -6.41
N THR B 172 -22.69 -0.32 -6.20
CA THR B 172 -22.11 -0.23 -4.85
C THR B 172 -22.91 0.73 -3.99
N GLU B 173 -23.38 1.81 -4.58
CA GLU B 173 -24.16 2.78 -3.84
C GLU B 173 -25.49 2.16 -3.40
N GLN B 174 -26.07 1.31 -4.24
CA GLN B 174 -27.33 0.65 -3.93
C GLN B 174 -27.13 -0.39 -2.84
N ILE B 175 -26.02 -1.10 -2.89
CA ILE B 175 -25.69 -2.09 -1.88
C ILE B 175 -25.57 -1.36 -0.53
N VAL B 176 -24.97 -0.18 -0.53
CA VAL B 176 -24.80 0.61 0.68
C VAL B 176 -26.15 1.13 1.16
N GLN B 177 -26.98 1.53 0.21
CA GLN B 177 -28.31 2.04 0.54
C GLN B 177 -29.15 0.89 1.10
N ALA B 178 -28.94 -0.31 0.58
CA ALA B 178 -29.67 -1.46 1.03
C ALA B 178 -29.28 -1.83 2.47
N MET B 179 -28.04 -1.56 2.85
CA MET B 179 -27.56 -1.88 4.20
C MET B 179 -27.85 -0.82 5.24
N ASN B 180 -28.59 0.23 4.88
CA ASN B 180 -28.91 1.30 5.81
C ASN B 180 -29.18 0.74 7.20
PA NDP C . 8.03 0.61 0.34
O1A NDP C . 9.46 0.36 -0.02
O2A NDP C . 6.97 -0.06 -0.42
O5B NDP C . 7.89 0.26 1.91
C5B NDP C . 8.39 0.77 2.77
C4B NDP C . 8.80 0.02 3.93
O4B NDP C . 7.85 0.45 4.99
C3B NDP C . 8.62 -1.46 3.96
O3B NDP C . 9.87 -2.13 3.59
C2B NDP C . 8.14 -1.89 5.27
O2B NDP C . 8.73 -2.82 6.05
C1B NDP C . 7.98 -0.65 6.04
N9A NDP C . 6.69 -0.57 6.96
C8A NDP C . 5.42 -1.11 6.66
N7A NDP C . 4.56 -0.89 7.63
C5A NDP C . 5.19 -0.21 8.63
C6A NDP C . 4.92 0.34 9.93
N6A NDP C . 3.68 0.21 10.44
N1A NDP C . 5.90 0.99 10.63
C2A NDP C . 7.18 1.15 10.14
N3A NDP C . 7.58 0.68 8.92
C4A NDP C . 6.62 0.03 8.19
O3 NDP C . 7.63 2.16 0.31
PN NDP C . 8.55 3.46 -0.27
O1N NDP C . 9.94 3.53 0.24
O2N NDP C . 7.65 4.60 -0.01
O5D NDP C . 8.32 2.88 -1.68
C5D NDP C . 7.29 2.97 -2.61
C4D NDP C . 6.84 1.80 -3.42
O4D NDP C . 5.42 1.72 -3.76
C3D NDP C . 7.78 1.58 -4.64
O3D NDP C . 8.19 0.22 -4.98
C2D NDP C . 6.82 2.22 -5.70
O2D NDP C . 7.07 1.98 -7.03
C1D NDP C . 5.46 1.65 -5.23
N1N NDP C . 4.17 2.37 -5.59
C2N NDP C . 4.08 3.79 -5.58
C3N NDP C . 2.86 4.43 -5.93
C7N NDP C . 2.79 5.91 -5.91
O7N NDP C . 2.07 6.52 -6.70
N7N NDP C . 3.56 6.48 -4.95
C4N NDP C . 1.75 3.66 -6.47
C5N NDP C . 1.78 2.27 -6.31
C6N NDP C . 2.97 1.65 -5.97
P2B NDP C . 8.62 -3.60 7.46
O1X NDP C . 7.64 -4.70 7.32
O2X NDP C . 10.01 -4.05 7.68
O3X NDP C . 8.23 -2.64 8.45
PA NDP D . -10.38 -6.34 -16.88
O1A NDP D . -10.48 -7.79 -16.68
O2A NDP D . -9.73 -5.79 -18.10
O5B NDP D . -11.88 -5.76 -16.79
C5B NDP D . -12.53 -5.69 -15.88
C4B NDP D . -13.95 -5.74 -16.04
O4B NDP D . -14.38 -4.34 -15.80
C3B NDP D . -14.52 -5.96 -17.37
O3B NDP D . -14.81 -7.38 -17.58
C2B NDP D . -15.69 -5.11 -17.58
O2B NDP D . -16.92 -5.52 -17.99
C1B NDP D . -15.78 -4.37 -16.32
N9A NDP D . -16.26 -2.87 -16.37
C8A NDP D . -15.86 -1.90 -17.31
N7A NDP D . -16.46 -0.74 -17.07
C5A NDP D . -17.28 -0.88 -15.98
C6A NDP D . -18.20 -0.11 -15.18
N6A NDP D . -18.43 1.18 -15.49
N1A NDP D . -18.84 -0.68 -14.12
C2A NDP D . -18.64 -2.00 -13.77
N3A NDP D . -17.82 -2.84 -14.43
C4A NDP D . -17.15 -2.30 -15.50
O3 NDP D . -9.63 -5.56 -15.68
PN NDP D . -8.72 -6.27 -14.43
O1N NDP D . -9.36 -7.38 -13.71
O2N NDP D . -8.34 -5.05 -13.67
O5D NDP D . -7.64 -6.60 -15.47
C5D NDP D . -6.60 -5.90 -16.07
C4D NDP D . -6.07 -6.28 -17.41
O4D NDP D . -5.38 -5.26 -18.18
C3D NDP D . -5.29 -7.61 -17.32
O3D NDP D . -5.53 -8.60 -18.35
C2D NDP D . -3.87 -6.96 -17.36
O2D NDP D . -2.77 -7.77 -17.60
C1D NDP D . -4.06 -5.88 -18.45
N1N NDP D . -3.19 -4.62 -18.50
C2N NDP D . -2.73 -3.98 -17.33
C3N NDP D . -1.91 -2.80 -17.41
C7N NDP D . -1.42 -2.15 -16.18
O7N NDP D . -0.34 -1.56 -16.16
N7N NDP D . -2.27 -2.28 -15.13
C4N NDP D . -1.70 -2.17 -18.71
C5N NDP D . -2.03 -2.89 -19.87
C6N NDP D . -2.80 -4.02 -19.76
P2B NDP D . -18.40 -5.02 -18.35
O1X NDP D . -18.35 -4.36 -19.68
O2X NDP D . -19.18 -6.25 -18.33
O3X NDP D . -18.83 -4.12 -17.33
#